data_7KLZ
#
_entry.id   7KLZ
#
_cell.length_a   103.060
_cell.length_b   103.060
_cell.length_c   131.810
_cell.angle_alpha   90.000
_cell.angle_beta   90.000
_cell.angle_gamma   90.000
#
_symmetry.space_group_name_H-M   'P 41 21 2'
#
loop_
_entity.id
_entity.type
_entity.pdbx_description
1 polymer 'Speckle-type POZ protein'
2 polymer 'Geminin peptide'
3 non-polymer 'PHOSPHATE ION'
#
loop_
_entity_poly.entity_id
_entity_poly.type
_entity_poly.pdbx_seq_one_letter_code
_entity_poly.pdbx_strand_id
1 'polypeptide(L)'
;GPGHMVVKFSYMWTINNFSFCREEMGEVIKSSTFSSGANDKLKWCLRVNPKGLDEESKDYLSLYLLLVSCPKSEVRAKFK
FSILNAKGEETKAMESQRAYRFVQGKDWGFKKFIRRGFLLDEANGLLPDDKLTLFCEVSVVQD
;
A,B
2 'polypeptide(L)' AEGTVSSSTDALPCI C,D
#
# COMPACT_ATOMS: atom_id res chain seq x y z
N MET A 5 12.67 3.64 3.77
CA MET A 5 12.98 5.05 4.00
C MET A 5 13.20 5.77 2.68
N VAL A 6 13.23 5.01 1.59
CA VAL A 6 13.43 5.56 0.25
C VAL A 6 12.14 5.55 -0.55
N VAL A 7 11.54 4.39 -0.74
CA VAL A 7 10.29 4.27 -1.51
C VAL A 7 9.46 3.13 -0.95
N LYS A 8 8.19 3.42 -0.68
CA LYS A 8 7.24 2.43 -0.18
C LYS A 8 6.07 2.34 -1.15
N PHE A 9 5.78 1.13 -1.61
CA PHE A 9 4.71 0.92 -2.58
C PHE A 9 4.02 -0.40 -2.26
N SER A 10 2.96 -0.69 -3.02
CA SER A 10 2.15 -1.87 -2.78
C SER A 10 1.75 -2.48 -4.12
N TYR A 11 1.24 -3.71 -4.04
CA TYR A 11 0.71 -4.41 -5.20
C TYR A 11 -0.32 -5.43 -4.74
N MET A 12 -1.46 -5.45 -5.41
CA MET A 12 -2.53 -6.40 -5.12
C MET A 12 -2.58 -7.47 -6.19
N TRP A 13 -2.53 -8.72 -5.77
CA TRP A 13 -2.57 -9.86 -6.67
C TRP A 13 -3.86 -10.64 -6.42
N THR A 14 -4.70 -10.73 -7.45
CA THR A 14 -5.93 -11.50 -7.40
C THR A 14 -5.74 -12.75 -8.23
N ILE A 15 -5.82 -13.91 -7.60
CA ILE A 15 -5.62 -15.19 -8.27
C ILE A 15 -6.99 -15.82 -8.48
N ASN A 16 -7.45 -15.81 -9.73
CA ASN A 16 -8.80 -16.27 -10.04
C ASN A 16 -8.83 -17.78 -10.12
N ASN A 17 -9.96 -18.37 -9.73
CA ASN A 17 -10.15 -19.82 -9.78
C ASN A 17 -9.07 -20.54 -9.00
N PHE A 18 -8.98 -20.20 -7.71
CA PHE A 18 -7.96 -20.79 -6.85
C PHE A 18 -8.18 -22.29 -6.70
N SER A 19 -9.36 -22.68 -6.23
CA SER A 19 -9.67 -24.10 -6.10
C SER A 19 -9.97 -24.74 -7.45
N PHE A 20 -10.59 -23.99 -8.36
CA PHE A 20 -11.00 -24.56 -9.64
C PHE A 20 -9.80 -24.93 -10.51
N CYS A 21 -8.74 -24.12 -10.48
CA CYS A 21 -7.54 -24.37 -11.26
C CYS A 21 -6.38 -24.84 -10.39
N ARG A 22 -6.67 -25.46 -9.25
CA ARG A 22 -5.60 -25.92 -8.38
C ARG A 22 -4.69 -26.89 -9.11
N GLU A 23 -5.26 -27.73 -9.96
CA GLU A 23 -4.44 -28.65 -10.75
C GLU A 23 -3.65 -27.90 -11.82
N GLU A 24 -4.16 -26.78 -12.29
CA GLU A 24 -3.49 -26.04 -13.36
C GLU A 24 -2.46 -25.07 -12.83
N MET A 25 -2.44 -24.82 -11.52
CA MET A 25 -1.42 -23.96 -10.94
C MET A 25 -0.06 -24.64 -11.00
N GLY A 26 0.03 -25.88 -10.52
CA GLY A 26 1.28 -26.58 -10.51
C GLY A 26 2.03 -26.37 -9.21
N GLU A 27 3.35 -26.50 -9.27
CA GLU A 27 4.17 -26.33 -8.07
C GLU A 27 4.26 -24.86 -7.67
N VAL A 28 4.65 -23.99 -8.60
CA VAL A 28 4.77 -22.57 -8.34
C VAL A 28 4.11 -21.81 -9.49
N ILE A 29 3.47 -20.68 -9.16
CA ILE A 29 2.99 -19.71 -10.14
C ILE A 29 3.48 -18.34 -9.70
N LYS A 30 3.80 -17.49 -10.67
CA LYS A 30 4.29 -16.15 -10.39
C LYS A 30 3.36 -15.11 -11.00
N SER A 31 3.19 -14.01 -10.28
CA SER A 31 2.34 -12.91 -10.72
C SER A 31 3.03 -12.11 -11.83
N SER A 32 2.30 -11.12 -12.33
CA SER A 32 2.88 -10.20 -13.30
C SER A 32 3.91 -9.31 -12.61
N THR A 33 4.84 -8.80 -13.41
CA THR A 33 5.87 -7.91 -12.89
C THR A 33 5.26 -6.57 -12.48
N PHE A 34 5.62 -6.09 -11.30
CA PHE A 34 5.08 -4.86 -10.75
C PHE A 34 6.22 -4.02 -10.20
N SER A 35 6.04 -2.70 -10.30
CA SER A 35 7.01 -1.73 -9.80
C SER A 35 6.34 -0.36 -9.79
N SER A 36 6.65 0.43 -8.77
CA SER A 36 6.19 1.81 -8.71
C SER A 36 7.39 2.72 -8.91
N GLY A 37 7.13 3.92 -9.42
CA GLY A 37 8.22 4.78 -9.84
C GLY A 37 8.95 4.08 -10.96
N ALA A 38 8.20 3.66 -11.99
CA ALA A 38 8.71 2.79 -13.04
C ALA A 38 9.97 3.35 -13.69
N ASN A 39 9.95 4.62 -14.08
CA ASN A 39 11.11 5.21 -14.74
C ASN A 39 12.31 5.30 -13.81
N ASP A 40 12.07 5.43 -12.50
CA ASP A 40 13.16 5.48 -11.54
C ASP A 40 13.55 4.11 -11.00
N LYS A 41 12.59 3.22 -10.79
CA LYS A 41 12.77 2.02 -10.01
C LYS A 41 12.88 0.77 -10.89
N LEU A 42 12.87 -0.40 -10.24
CA LEU A 42 13.16 -1.67 -10.85
C LEU A 42 12.03 -2.67 -10.61
N LYS A 43 11.96 -3.66 -11.51
CA LYS A 43 10.83 -4.59 -11.57
C LYS A 43 10.86 -5.63 -10.45
N TRP A 44 9.70 -5.87 -9.85
CA TRP A 44 9.50 -6.89 -8.83
C TRP A 44 8.52 -7.95 -9.33
N CYS A 45 8.24 -8.94 -8.47
CA CYS A 45 7.35 -10.04 -8.83
C CYS A 45 6.96 -10.79 -7.56
N LEU A 46 5.88 -11.55 -7.65
CA LEU A 46 5.35 -12.32 -6.53
C LEU A 46 5.22 -13.79 -6.93
N ARG A 47 5.77 -14.68 -6.11
CA ARG A 47 5.73 -16.12 -6.34
C ARG A 47 4.98 -16.80 -5.21
N VAL A 48 4.12 -17.76 -5.57
CA VAL A 48 3.33 -18.48 -4.59
C VAL A 48 3.32 -19.97 -4.93
N ASN A 49 3.49 -20.80 -3.91
CA ASN A 49 3.35 -22.24 -4.03
C ASN A 49 2.03 -22.65 -3.41
N PRO A 50 1.04 -23.13 -4.17
CA PRO A 50 -0.24 -23.51 -3.54
C PRO A 50 -0.05 -24.59 -2.50
N LYS A 51 0.74 -25.61 -2.81
CA LYS A 51 1.15 -26.62 -1.85
C LYS A 51 2.61 -26.36 -1.51
N GLY A 52 2.98 -26.57 -0.26
CA GLY A 52 4.36 -26.37 0.14
C GLY A 52 5.33 -27.23 -0.63
N LEU A 53 6.60 -26.83 -0.62
CA LEU A 53 7.62 -27.55 -1.35
C LEU A 53 8.09 -28.78 -0.61
N ASP A 54 8.07 -28.76 0.72
CA ASP A 54 8.62 -29.82 1.54
C ASP A 54 7.56 -30.30 2.52
N GLU A 55 7.91 -31.35 3.29
CA GLU A 55 6.95 -31.92 4.24
C GLU A 55 6.62 -30.97 5.38
N GLU A 56 7.53 -30.04 5.71
CA GLU A 56 7.26 -29.11 6.80
C GLU A 56 6.10 -28.17 6.45
N SER A 57 6.01 -27.76 5.18
CA SER A 57 4.99 -26.81 4.76
C SER A 57 4.00 -27.42 3.77
N LYS A 58 3.89 -28.75 3.73
CA LYS A 58 3.01 -29.38 2.75
C LYS A 58 1.55 -29.01 2.97
N ASP A 59 1.17 -28.66 4.20
CA ASP A 59 -0.18 -28.23 4.51
C ASP A 59 -0.32 -26.71 4.50
N TYR A 60 0.68 -26.00 3.97
CA TYR A 60 0.69 -24.55 3.97
C TYR A 60 0.87 -24.02 2.55
N LEU A 61 0.48 -22.77 2.37
CA LEU A 61 0.68 -22.05 1.11
C LEU A 61 1.84 -21.09 1.29
N SER A 62 2.90 -21.26 0.50
CA SER A 62 4.09 -20.45 0.61
C SER A 62 4.02 -19.28 -0.35
N LEU A 63 4.46 -18.10 0.11
CA LEU A 63 4.42 -16.87 -0.66
C LEU A 63 5.77 -16.17 -0.56
N TYR A 64 6.30 -15.72 -1.69
CA TYR A 64 7.62 -15.14 -1.75
C TYR A 64 7.61 -13.90 -2.63
N LEU A 65 8.53 -12.97 -2.36
CA LEU A 65 8.74 -11.79 -3.18
C LEU A 65 10.13 -11.87 -3.81
N LEU A 66 10.20 -11.75 -5.13
CA LEU A 66 11.45 -11.94 -5.86
C LEU A 66 11.74 -10.73 -6.74
N LEU A 67 13.03 -10.42 -6.87
CA LEU A 67 13.49 -9.33 -7.72
C LEU A 67 13.74 -9.86 -9.13
N VAL A 68 13.16 -9.18 -10.12
CA VAL A 68 13.23 -9.65 -11.50
C VAL A 68 14.33 -8.92 -12.26
N SER A 69 14.26 -7.59 -12.29
CA SER A 69 15.19 -6.81 -13.10
C SER A 69 16.50 -6.63 -12.35
N CYS A 70 17.60 -6.69 -13.09
CA CYS A 70 18.93 -6.58 -12.50
C CYS A 70 19.15 -5.19 -11.94
N PRO A 71 19.34 -5.03 -10.64
CA PRO A 71 19.59 -3.71 -10.07
C PRO A 71 21.02 -3.25 -10.29
N LYS A 72 21.23 -1.94 -10.11
CA LYS A 72 22.59 -1.41 -10.23
C LYS A 72 23.46 -1.85 -9.08
N SER A 73 22.88 -2.09 -7.90
CA SER A 73 23.62 -2.52 -6.73
C SER A 73 22.71 -3.40 -5.89
N GLU A 74 23.18 -3.79 -4.71
CA GLU A 74 22.36 -4.59 -3.82
C GLU A 74 21.15 -3.80 -3.35
N VAL A 75 20.01 -4.47 -3.28
CA VAL A 75 18.75 -3.85 -2.86
C VAL A 75 18.33 -4.47 -1.54
N ARG A 76 18.00 -3.62 -0.57
CA ARG A 76 17.51 -4.05 0.73
C ARG A 76 16.12 -3.45 0.93
N ALA A 77 15.17 -4.31 1.32
CA ALA A 77 13.78 -3.85 1.43
C ALA A 77 13.04 -4.76 2.40
N LYS A 78 12.06 -4.18 3.08
CA LYS A 78 11.10 -4.93 3.87
C LYS A 78 9.85 -5.21 3.05
N PHE A 79 9.08 -6.19 3.50
CA PHE A 79 7.87 -6.59 2.81
C PHE A 79 6.82 -7.00 3.83
N LYS A 80 5.54 -6.84 3.44
CA LYS A 80 4.42 -7.18 4.29
C LYS A 80 3.35 -7.84 3.43
N PHE A 81 3.05 -9.10 3.73
CA PHE A 81 2.06 -9.87 2.99
C PHE A 81 0.78 -9.99 3.81
N SER A 82 -0.36 -9.82 3.14
CA SER A 82 -1.65 -9.95 3.78
C SER A 82 -2.63 -10.49 2.76
N ILE A 83 -3.78 -10.96 3.24
CA ILE A 83 -4.82 -11.53 2.41
C ILE A 83 -6.07 -10.66 2.55
N LEU A 84 -6.57 -10.17 1.42
CA LEU A 84 -7.77 -9.36 1.42
C LEU A 84 -9.01 -10.26 1.46
N ASN A 85 -9.92 -9.96 2.37
CA ASN A 85 -11.11 -10.78 2.58
C ASN A 85 -12.23 -10.31 1.65
N ALA A 86 -13.43 -10.85 1.85
CA ALA A 86 -14.58 -10.47 1.04
C ALA A 86 -14.83 -8.97 1.09
N LYS A 87 -14.59 -8.34 2.24
CA LYS A 87 -14.83 -6.91 2.42
C LYS A 87 -13.60 -6.06 2.13
N GLY A 88 -12.58 -6.65 1.51
CA GLY A 88 -11.40 -5.89 1.12
C GLY A 88 -10.51 -5.43 2.26
N GLU A 89 -10.54 -6.11 3.40
CA GLU A 89 -9.72 -5.76 4.54
C GLU A 89 -8.55 -6.73 4.67
N GLU A 90 -7.46 -6.24 5.28
CA GLU A 90 -6.28 -7.08 5.45
C GLU A 90 -6.49 -8.11 6.55
N THR A 91 -6.05 -9.34 6.28
CA THR A 91 -6.23 -10.46 7.19
C THR A 91 -5.00 -11.36 7.12
N LYS A 92 -4.65 -11.96 8.26
CA LYS A 92 -3.52 -12.88 8.35
C LYS A 92 -2.23 -12.24 7.85
N ALA A 93 -2.02 -10.98 8.23
CA ALA A 93 -0.85 -10.25 7.77
C ALA A 93 0.42 -10.86 8.33
N MET A 94 1.47 -10.89 7.52
CA MET A 94 2.77 -11.41 7.91
C MET A 94 3.85 -10.55 7.29
N GLU A 95 4.66 -9.90 8.12
CA GLU A 95 5.66 -8.95 7.66
C GLU A 95 7.03 -9.34 8.20
N SER A 96 8.06 -9.14 7.39
CA SER A 96 9.43 -9.34 7.84
C SER A 96 9.82 -8.23 8.81
N GLN A 97 10.29 -8.62 10.00
CA GLN A 97 10.62 -7.63 11.02
C GLN A 97 11.78 -6.73 10.61
N ARG A 98 12.69 -7.25 9.79
CA ARG A 98 13.83 -6.48 9.29
C ARG A 98 13.89 -6.58 7.78
N ALA A 99 14.78 -5.80 7.18
CA ALA A 99 14.97 -5.82 5.74
C ALA A 99 15.92 -6.95 5.34
N TYR A 100 15.88 -7.29 4.05
CA TYR A 100 16.70 -8.37 3.52
C TYR A 100 17.29 -7.94 2.19
N ARG A 101 18.48 -8.48 1.89
CA ARG A 101 19.19 -8.11 0.67
C ARG A 101 18.62 -8.84 -0.53
N PHE A 102 18.46 -8.11 -1.64
CA PHE A 102 17.89 -8.65 -2.86
C PHE A 102 18.86 -8.48 -4.02
N VAL A 103 19.01 -9.54 -4.81
CA VAL A 103 19.72 -9.51 -6.08
C VAL A 103 18.79 -10.08 -7.14
N GLN A 104 19.21 -9.96 -8.40
CA GLN A 104 18.40 -10.46 -9.51
C GLN A 104 18.12 -11.95 -9.34
N GLY A 105 16.84 -12.31 -9.43
CA GLY A 105 16.44 -13.70 -9.29
C GLY A 105 16.46 -14.25 -7.88
N LYS A 106 16.53 -13.39 -6.86
CA LYS A 106 16.51 -13.82 -5.48
C LYS A 106 15.16 -13.48 -4.86
N ASP A 107 14.66 -14.38 -4.01
CA ASP A 107 13.35 -14.23 -3.41
C ASP A 107 13.44 -14.39 -1.89
N TRP A 108 12.48 -13.80 -1.20
CA TRP A 108 12.38 -13.90 0.24
C TRP A 108 10.90 -13.93 0.62
N GLY A 109 10.54 -14.74 1.59
CA GLY A 109 9.16 -14.86 2.01
C GLY A 109 8.94 -15.83 3.14
N PHE A 110 7.73 -16.38 3.24
CA PHE A 110 7.36 -17.28 4.33
C PHE A 110 6.91 -18.61 3.74
N LYS A 111 7.57 -19.69 4.16
CA LYS A 111 7.14 -21.01 3.72
C LYS A 111 5.78 -21.37 4.33
N LYS A 112 5.62 -21.14 5.63
CA LYS A 112 4.35 -21.31 6.31
C LYS A 112 3.69 -19.94 6.40
N PHE A 113 3.10 -19.50 5.29
CA PHE A 113 2.45 -18.20 5.26
C PHE A 113 1.02 -18.26 5.80
N ILE A 114 0.24 -19.23 5.31
CA ILE A 114 -1.09 -19.47 5.83
C ILE A 114 -1.40 -20.96 5.70
N ARG A 115 -2.09 -21.50 6.70
CA ARG A 115 -2.49 -22.90 6.64
C ARG A 115 -3.48 -23.09 5.50
N ARG A 116 -3.18 -24.06 4.63
CA ARG A 116 -4.00 -24.26 3.43
C ARG A 116 -5.44 -24.60 3.79
N GLY A 117 -5.65 -25.24 4.94
CA GLY A 117 -7.02 -25.54 5.36
C GLY A 117 -7.76 -24.32 5.86
N PHE A 118 -7.06 -23.44 6.58
CA PHE A 118 -7.66 -22.19 7.02
C PHE A 118 -8.07 -21.32 5.84
N LEU A 119 -7.36 -21.44 4.72
CA LEU A 119 -7.68 -20.65 3.54
C LEU A 119 -8.98 -21.13 2.89
N LEU A 120 -9.14 -22.45 2.78
CA LEU A 120 -10.31 -23.04 2.14
C LEU A 120 -11.56 -23.01 3.01
N ASP A 121 -11.44 -22.60 4.27
CA ASP A 121 -12.60 -22.56 5.17
C ASP A 121 -13.58 -21.49 4.72
N GLU A 122 -14.85 -21.89 4.54
CA GLU A 122 -15.89 -20.96 4.13
C GLU A 122 -16.14 -19.90 5.20
N ALA A 123 -15.88 -20.21 6.47
CA ALA A 123 -16.14 -19.26 7.54
C ALA A 123 -15.20 -18.07 7.49
N ASN A 124 -13.95 -18.28 7.07
CA ASN A 124 -12.98 -17.20 7.04
C ASN A 124 -13.28 -16.19 5.93
N GLY A 125 -14.03 -16.60 4.91
CA GLY A 125 -14.38 -15.68 3.85
C GLY A 125 -13.20 -15.16 3.05
N LEU A 126 -12.14 -15.96 2.93
CA LEU A 126 -10.94 -15.53 2.23
C LEU A 126 -11.01 -15.75 0.72
N LEU A 127 -11.80 -16.72 0.25
CA LEU A 127 -11.93 -16.95 -1.18
C LEU A 127 -13.33 -16.64 -1.68
N PRO A 128 -13.64 -15.38 -1.99
CA PRO A 128 -14.94 -15.09 -2.61
C PRO A 128 -14.86 -15.21 -4.12
N ASP A 129 -15.92 -15.79 -4.71
CA ASP A 129 -15.96 -16.10 -6.14
C ASP A 129 -14.76 -16.95 -6.56
N ASP A 130 -14.25 -17.76 -5.63
CA ASP A 130 -13.09 -18.61 -5.86
C ASP A 130 -11.88 -17.77 -6.31
N LYS A 131 -11.61 -16.71 -5.55
CA LYS A 131 -10.53 -15.78 -5.88
C LYS A 131 -9.73 -15.48 -4.62
N LEU A 132 -8.45 -15.80 -4.64
CA LEU A 132 -7.54 -15.45 -3.56
C LEU A 132 -6.86 -14.13 -3.88
N THR A 133 -7.12 -13.11 -3.07
CA THR A 133 -6.58 -11.77 -3.28
C THR A 133 -5.49 -11.52 -2.26
N LEU A 134 -4.26 -11.32 -2.74
CA LEU A 134 -3.10 -11.07 -1.90
C LEU A 134 -2.67 -9.62 -2.03
N PHE A 135 -2.08 -9.09 -0.95
CA PHE A 135 -1.65 -7.70 -0.90
C PHE A 135 -0.21 -7.65 -0.40
N CYS A 136 0.70 -7.14 -1.23
CA CYS A 136 2.10 -7.00 -0.89
C CYS A 136 2.44 -5.54 -0.69
N GLU A 137 3.28 -5.26 0.30
CA GLU A 137 3.69 -3.88 0.64
C GLU A 137 5.20 -3.86 0.82
N VAL A 138 5.91 -3.31 -0.16
CA VAL A 138 7.37 -3.27 -0.16
C VAL A 138 7.83 -1.91 0.33
N SER A 139 8.90 -1.89 1.12
CA SER A 139 9.53 -0.68 1.63
C SER A 139 11.01 -0.76 1.33
N VAL A 140 11.43 -0.19 0.20
CA VAL A 140 12.82 -0.25 -0.23
C VAL A 140 13.64 0.79 0.52
N VAL A 141 14.77 0.37 1.07
CA VAL A 141 15.70 1.26 1.75
C VAL A 141 17.02 1.28 1.01
N GLN A 142 17.57 2.47 0.82
CA GLN A 142 18.84 2.64 0.10
C GLN A 142 19.51 3.94 0.48
N HIS B 4 -19.25 -7.51 -5.45
CA HIS B 4 -18.49 -6.27 -5.62
C HIS B 4 -17.00 -6.52 -5.40
N MET B 5 -16.23 -6.49 -6.48
CA MET B 5 -14.80 -6.71 -6.39
C MET B 5 -14.11 -5.52 -5.71
N VAL B 6 -13.11 -5.82 -4.90
CA VAL B 6 -12.36 -4.80 -4.16
C VAL B 6 -10.98 -4.66 -4.79
N VAL B 7 -10.39 -3.47 -4.62
CA VAL B 7 -9.07 -3.15 -5.16
C VAL B 7 -8.38 -2.22 -4.16
N LYS B 8 -7.17 -2.60 -3.76
CA LYS B 8 -6.39 -1.83 -2.80
C LYS B 8 -5.04 -1.46 -3.40
N PHE B 9 -4.71 -0.17 -3.37
CA PHE B 9 -3.46 0.32 -3.91
C PHE B 9 -2.96 1.46 -3.02
N SER B 10 -1.75 1.94 -3.33
CA SER B 10 -1.10 2.95 -2.52
C SER B 10 -0.39 3.96 -3.41
N TYR B 11 0.03 5.07 -2.80
CA TYR B 11 0.82 6.07 -3.49
C TYR B 11 1.66 6.82 -2.45
N MET B 12 2.94 7.00 -2.75
CA MET B 12 3.86 7.71 -1.87
C MET B 12 4.13 9.10 -2.47
N TRP B 13 3.92 10.14 -1.66
CA TRP B 13 4.14 11.52 -2.06
C TRP B 13 5.27 12.09 -1.22
N THR B 14 6.35 12.51 -1.89
CA THR B 14 7.49 13.13 -1.24
C THR B 14 7.52 14.62 -1.58
N ILE B 15 7.38 15.46 -0.56
CA ILE B 15 7.38 16.91 -0.72
C ILE B 15 8.73 17.42 -0.23
N ASN B 16 9.61 17.79 -1.16
CA ASN B 16 10.98 18.15 -0.83
C ASN B 16 11.09 19.61 -0.37
N ASN B 17 12.03 19.86 0.53
CA ASN B 17 12.30 21.19 1.07
C ASN B 17 11.05 21.78 1.73
N PHE B 18 10.47 21.02 2.66
CA PHE B 18 9.26 21.47 3.35
C PHE B 18 9.57 22.61 4.31
N SER B 19 10.54 22.42 5.20
CA SER B 19 10.86 23.45 6.19
C SER B 19 11.52 24.66 5.56
N PHE B 20 12.33 24.46 4.51
CA PHE B 20 13.02 25.57 3.89
C PHE B 20 12.04 26.52 3.22
N CYS B 21 10.93 25.99 2.70
CA CYS B 21 9.93 26.78 1.99
C CYS B 21 8.69 27.03 2.84
N ARG B 22 8.86 27.07 4.16
CA ARG B 22 7.73 27.32 5.06
C ARG B 22 7.07 28.66 4.76
N GLU B 23 7.86 29.67 4.42
CA GLU B 23 7.30 30.97 4.06
C GLU B 23 6.60 30.94 2.71
N GLU B 24 7.03 30.04 1.82
CA GLU B 24 6.53 29.91 0.46
C GLU B 24 5.28 29.04 0.33
N MET B 25 4.77 28.50 1.44
CA MET B 25 3.59 27.66 1.40
C MET B 25 2.40 28.42 0.82
N GLY B 26 1.69 27.78 -0.09
CA GLY B 26 0.56 28.39 -0.77
C GLY B 26 -0.76 27.97 -0.16
N GLU B 27 -1.82 28.10 -0.96
CA GLU B 27 -3.15 27.74 -0.48
C GLU B 27 -3.37 26.23 -0.52
N VAL B 28 -3.20 25.61 -1.68
CA VAL B 28 -3.37 24.18 -1.86
C VAL B 28 -2.21 23.65 -2.70
N ILE B 29 -1.83 22.40 -2.44
CA ILE B 29 -0.88 21.68 -3.27
C ILE B 29 -1.51 20.36 -3.67
N LYS B 30 -1.27 19.94 -4.91
CA LYS B 30 -1.83 18.70 -5.43
C LYS B 30 -0.71 17.76 -5.88
N SER B 31 -0.87 16.48 -5.59
CA SER B 31 0.08 15.47 -6.05
C SER B 31 -0.20 15.15 -7.52
N SER B 32 0.65 14.31 -8.10
CA SER B 32 0.39 13.84 -9.45
C SER B 32 -0.78 12.85 -9.44
N THR B 33 -1.44 12.73 -10.58
CA THR B 33 -2.54 11.78 -10.70
C THR B 33 -2.00 10.36 -10.67
N PHE B 34 -2.59 9.50 -9.85
CA PHE B 34 -2.11 8.14 -9.68
C PHE B 34 -3.27 7.15 -9.67
N SER B 35 -3.01 5.96 -10.20
CA SER B 35 -3.96 4.84 -10.12
C SER B 35 -3.29 3.55 -10.54
N SER B 36 -3.44 2.50 -9.74
CA SER B 36 -2.99 1.16 -10.10
C SER B 36 -4.18 0.21 -10.06
N GLY B 37 -4.07 -0.90 -10.80
CA GLY B 37 -5.17 -1.83 -10.90
C GLY B 37 -5.54 -2.16 -12.34
N ALA B 38 -6.83 -2.39 -12.57
CA ALA B 38 -7.31 -2.83 -13.88
C ALA B 38 -6.88 -1.86 -14.97
N ASN B 39 -6.90 -2.35 -16.22
CA ASN B 39 -6.48 -1.50 -17.33
C ASN B 39 -7.40 -0.31 -17.52
N ASP B 40 -8.68 -0.46 -17.16
CA ASP B 40 -9.62 0.65 -17.19
C ASP B 40 -9.50 1.33 -15.84
N LYS B 41 -8.73 2.41 -15.78
CA LYS B 41 -8.27 2.92 -14.50
C LYS B 41 -9.13 4.10 -14.06
N LEU B 42 -8.86 4.55 -12.83
CA LEU B 42 -9.62 5.61 -12.20
C LEU B 42 -8.61 6.54 -11.55
N LYS B 43 -8.36 7.70 -12.13
CA LYS B 43 -7.28 8.55 -11.66
C LYS B 43 -7.65 9.22 -10.35
N TRP B 44 -6.72 9.23 -9.40
CA TRP B 44 -6.89 9.86 -8.11
C TRP B 44 -5.87 10.99 -7.96
N CYS B 45 -5.92 11.64 -6.79
CA CYS B 45 -5.04 12.78 -6.50
C CYS B 45 -5.09 13.06 -5.01
N LEU B 46 -4.09 13.80 -4.54
CA LEU B 46 -3.96 14.17 -3.14
C LEU B 46 -3.86 15.69 -3.02
N ARG B 47 -4.68 16.27 -2.15
CA ARG B 47 -4.70 17.70 -1.90
C ARG B 47 -4.29 17.98 -0.47
N VAL B 48 -3.45 18.99 -0.28
CA VAL B 48 -2.98 19.35 1.05
C VAL B 48 -3.01 20.87 1.17
N ASN B 49 -3.54 21.36 2.30
CA ASN B 49 -3.48 22.78 2.63
C ASN B 49 -2.47 22.97 3.75
N PRO B 50 -1.34 23.63 3.48
CA PRO B 50 -0.33 23.82 4.55
C PRO B 50 -0.84 24.62 5.73
N LYS B 51 -1.60 25.69 5.50
CA LYS B 51 -2.15 26.50 6.58
C LYS B 51 -3.63 26.22 6.82
N GLY B 52 -4.12 25.03 6.47
CA GLY B 52 -5.51 24.70 6.72
C GLY B 52 -6.50 25.45 5.85
N LEU B 53 -7.75 24.97 5.80
CA LEU B 53 -8.74 25.62 4.96
C LEU B 53 -9.32 26.86 5.62
N ASP B 54 -9.51 26.82 6.93
CA ASP B 54 -10.20 27.88 7.67
C ASP B 54 -9.38 28.30 8.88
N GLU B 55 -9.89 29.29 9.60
CA GLU B 55 -9.23 29.77 10.81
C GLU B 55 -9.26 28.72 11.92
N GLU B 56 -10.24 27.81 11.89
CA GLU B 56 -10.29 26.73 12.87
C GLU B 56 -9.09 25.79 12.72
N SER B 57 -8.60 25.60 11.50
CA SER B 57 -7.48 24.72 11.21
C SER B 57 -6.27 25.49 10.69
N LYS B 58 -6.18 26.79 10.98
CA LYS B 58 -5.09 27.60 10.44
C LYS B 58 -3.75 27.15 10.98
N ASP B 59 -3.72 26.53 12.16
CA ASP B 59 -2.50 25.99 12.73
C ASP B 59 -2.31 24.50 12.44
N TYR B 60 -3.09 23.95 11.50
CA TYR B 60 -3.04 22.54 11.17
C TYR B 60 -2.78 22.36 9.68
N LEU B 61 -2.27 21.19 9.33
CA LEU B 61 -2.06 20.79 7.95
C LEU B 61 -3.15 19.80 7.57
N SER B 62 -3.99 20.17 6.60
CA SER B 62 -5.10 19.33 6.16
C SER B 62 -4.69 18.55 4.92
N LEU B 63 -5.11 17.28 4.87
CA LEU B 63 -4.76 16.39 3.76
C LEU B 63 -6.02 15.68 3.28
N TYR B 64 -6.19 15.62 1.95
CA TYR B 64 -7.41 15.12 1.35
C TYR B 64 -7.07 14.20 0.17
N LEU B 65 -7.99 13.29 -0.13
CA LEU B 65 -7.91 12.42 -1.29
C LEU B 65 -9.02 12.79 -2.27
N LEU B 66 -8.64 13.02 -3.52
CA LEU B 66 -9.55 13.56 -4.53
C LEU B 66 -9.63 12.64 -5.74
N LEU B 67 -10.83 12.54 -6.30
CA LEU B 67 -11.07 11.79 -7.53
C LEU B 67 -10.96 12.75 -8.72
N VAL B 68 -10.12 12.38 -9.70
CA VAL B 68 -9.84 13.27 -10.82
C VAL B 68 -10.67 12.87 -12.05
N SER B 69 -10.53 11.63 -12.49
CA SER B 69 -11.15 11.19 -13.73
C SER B 69 -12.62 10.86 -13.52
N CYS B 70 -13.44 11.20 -14.51
CA CYS B 70 -14.87 10.96 -14.42
C CYS B 70 -15.16 9.47 -14.42
N PRO B 71 -15.71 8.91 -13.36
CA PRO B 71 -15.98 7.47 -13.33
C PRO B 71 -17.25 7.09 -14.09
N LYS B 72 -17.33 5.81 -14.43
CA LYS B 72 -18.51 5.29 -15.11
C LYS B 72 -19.70 5.16 -14.16
N SER B 73 -19.45 4.91 -12.88
CA SER B 73 -20.52 4.72 -11.91
C SER B 73 -20.06 5.26 -10.56
N GLU B 74 -20.86 5.02 -9.53
CA GLU B 74 -20.53 5.46 -8.18
C GLU B 74 -19.29 4.73 -7.66
N VAL B 75 -18.40 5.47 -7.01
CA VAL B 75 -17.16 4.94 -6.45
C VAL B 75 -17.21 5.05 -4.94
N ARG B 76 -16.94 3.95 -4.25
CA ARG B 76 -16.86 3.90 -2.80
C ARG B 76 -15.47 3.38 -2.41
N ALA B 77 -14.80 4.08 -1.51
CA ALA B 77 -13.44 3.71 -1.17
C ALA B 77 -13.08 4.19 0.22
N LYS B 78 -12.23 3.41 0.89
CA LYS B 78 -11.60 3.79 2.14
C LYS B 78 -10.22 4.37 1.88
N PHE B 79 -9.71 5.11 2.85
CA PHE B 79 -8.39 5.71 2.72
C PHE B 79 -7.70 5.75 4.07
N LYS B 80 -6.37 5.70 4.04
CA LYS B 80 -5.55 5.75 5.24
C LYS B 80 -4.33 6.60 4.95
N PHE B 81 -4.18 7.70 5.67
CA PHE B 81 -3.05 8.61 5.50
C PHE B 81 -2.05 8.43 6.64
N SER B 82 -0.77 8.41 6.30
CA SER B 82 0.29 8.28 7.29
C SER B 82 1.51 9.05 6.81
N ILE B 83 2.44 9.27 7.74
CA ILE B 83 3.68 9.99 7.45
C ILE B 83 4.84 9.04 7.70
N LEU B 84 5.69 8.87 6.68
CA LEU B 84 6.85 8.01 6.79
C LEU B 84 8.00 8.76 7.48
N ASN B 85 8.57 8.14 8.51
CA ASN B 85 9.62 8.77 9.30
C ASN B 85 10.98 8.48 8.68
N ALA B 86 12.05 8.84 9.40
CA ALA B 86 13.41 8.60 8.92
C ALA B 86 13.66 7.12 8.66
N LYS B 87 13.06 6.23 9.45
CA LYS B 87 13.26 4.80 9.32
C LYS B 87 12.24 4.14 8.40
N GLY B 88 11.49 4.92 7.64
CA GLY B 88 10.55 4.35 6.69
C GLY B 88 9.35 3.66 7.31
N GLU B 89 8.99 4.02 8.55
CA GLU B 89 7.86 3.43 9.24
C GLU B 89 6.68 4.39 9.22
N GLU B 90 5.47 3.84 9.29
CA GLU B 90 4.28 4.66 9.28
C GLU B 90 4.09 5.34 10.63
N THR B 91 3.73 6.63 10.59
CA THR B 91 3.60 7.44 11.80
C THR B 91 2.44 8.41 11.62
N LYS B 92 1.74 8.68 12.73
CA LYS B 92 0.61 9.61 12.77
C LYS B 92 -0.47 9.19 11.77
N ALA B 93 -0.73 7.89 11.70
CA ALA B 93 -1.71 7.36 10.77
C ALA B 93 -3.12 7.78 11.17
N MET B 94 -3.95 8.08 10.17
CA MET B 94 -5.34 8.43 10.37
C MET B 94 -6.15 7.82 9.24
N GLU B 95 -7.08 6.92 9.59
CA GLU B 95 -7.84 6.17 8.61
C GLU B 95 -9.33 6.37 8.85
N SER B 96 -10.09 6.47 7.76
CA SER B 96 -11.54 6.53 7.86
C SER B 96 -12.09 5.18 8.27
N GLN B 97 -12.91 5.17 9.33
CA GLN B 97 -13.44 3.91 9.84
C GLN B 97 -14.37 3.24 8.84
N ARG B 98 -15.04 4.02 8.00
CA ARG B 98 -15.94 3.49 6.99
C ARG B 98 -15.55 4.05 5.61
N ALA B 99 -16.20 3.52 4.59
CA ALA B 99 -15.98 3.98 3.23
C ALA B 99 -16.85 5.21 2.95
N TYR B 100 -16.47 5.95 1.91
CA TYR B 100 -17.19 7.17 1.55
C TYR B 100 -17.37 7.23 0.04
N ARG B 101 -18.45 7.87 -0.38
CA ARG B 101 -18.78 7.96 -1.79
C ARG B 101 -17.95 9.05 -2.47
N PHE B 102 -17.44 8.74 -3.66
CA PHE B 102 -16.60 9.64 -4.43
C PHE B 102 -17.22 9.90 -5.80
N VAL B 103 -17.24 11.16 -6.20
CA VAL B 103 -17.60 11.56 -7.56
C VAL B 103 -16.47 12.44 -8.09
N GLN B 104 -16.53 12.73 -9.39
CA GLN B 104 -15.51 13.56 -10.01
C GLN B 104 -15.45 14.92 -9.34
N GLY B 105 -14.23 15.32 -8.96
CA GLY B 105 -14.03 16.58 -8.27
C GLY B 105 -14.49 16.61 -6.82
N LYS B 106 -14.71 15.46 -6.21
CA LYS B 106 -15.07 15.37 -4.80
C LYS B 106 -13.90 14.82 -4.02
N ASP B 107 -13.67 15.36 -2.82
CA ASP B 107 -12.54 14.97 -2.00
C ASP B 107 -13.01 14.65 -0.57
N TRP B 108 -12.21 13.84 0.11
CA TRP B 108 -12.45 13.48 1.50
C TRP B 108 -11.13 13.33 2.22
N GLY B 109 -11.09 13.80 3.47
CA GLY B 109 -9.88 13.75 4.27
C GLY B 109 -10.06 14.32 5.65
N PHE B 110 -8.99 14.80 6.27
CA PHE B 110 -9.02 15.32 7.64
C PHE B 110 -8.55 16.77 7.63
N LYS B 111 -9.39 17.66 8.15
CA LYS B 111 -9.01 19.07 8.25
C LYS B 111 -7.90 19.26 9.28
N LYS B 112 -8.06 18.68 10.46
CA LYS B 112 -7.01 18.67 11.48
C LYS B 112 -6.27 17.33 11.41
N PHE B 113 -5.38 17.22 10.42
CA PHE B 113 -4.63 15.99 10.21
C PHE B 113 -3.38 15.93 11.07
N ILE B 114 -2.58 17.00 11.08
CA ILE B 114 -1.41 17.08 11.94
C ILE B 114 -1.16 18.55 12.29
N ARG B 115 -0.74 18.80 13.52
CA ARG B 115 -0.42 20.14 13.96
C ARG B 115 0.77 20.68 13.18
N ARG B 116 0.60 21.88 12.61
CA ARG B 116 1.63 22.46 11.74
C ARG B 116 2.94 22.67 12.48
N GLY B 117 2.89 22.95 13.77
CA GLY B 117 4.10 23.14 14.55
C GLY B 117 4.80 21.83 14.88
N PHE B 118 4.00 20.80 15.19
CA PHE B 118 4.57 19.49 15.48
C PHE B 118 5.30 18.92 14.27
N LEU B 119 4.87 19.27 13.06
CA LEU B 119 5.51 18.74 11.86
C LEU B 119 6.87 19.38 11.63
N LEU B 120 6.98 20.70 11.79
CA LEU B 120 8.23 21.40 11.54
C LEU B 120 9.25 21.23 12.66
N ASP B 121 8.87 20.62 13.77
CA ASP B 121 9.81 20.43 14.87
C ASP B 121 10.89 19.42 14.48
N GLU B 122 12.16 19.82 14.61
CA GLU B 122 13.26 18.93 14.27
C GLU B 122 13.32 17.73 15.21
N ALA B 123 12.81 17.86 16.43
CA ALA B 123 12.88 16.77 17.40
C ALA B 123 12.00 15.60 17.01
N ASN B 124 10.85 15.87 16.38
CA ASN B 124 9.93 14.79 16.01
C ASN B 124 10.47 13.92 14.89
N GLY B 125 11.43 14.42 14.10
CA GLY B 125 12.02 13.63 13.04
C GLY B 125 11.05 13.23 11.95
N LEU B 126 10.02 14.04 11.69
CA LEU B 126 9.04 13.72 10.65
C LEU B 126 9.50 14.18 9.27
N LEU B 127 10.39 15.17 9.20
CA LEU B 127 10.91 15.68 7.94
C LEU B 127 12.40 15.34 7.83
N PRO B 128 12.76 14.16 7.33
CA PRO B 128 14.18 13.86 7.11
C PRO B 128 14.65 14.38 5.76
N ASP B 129 15.87 14.93 5.75
CA ASP B 129 16.42 15.61 4.58
C ASP B 129 15.48 16.72 4.10
N ASP B 130 14.74 17.31 5.03
CA ASP B 130 13.77 18.36 4.73
C ASP B 130 12.77 17.88 3.68
N LYS B 131 12.21 16.69 3.92
CA LYS B 131 11.29 16.05 2.99
C LYS B 131 10.09 15.52 3.75
N LEU B 132 8.90 15.97 3.37
CA LEU B 132 7.65 15.45 3.93
C LEU B 132 7.18 14.31 3.04
N THR B 133 7.18 13.10 3.58
CA THR B 133 6.80 11.90 2.85
C THR B 133 5.45 11.41 3.36
N LEU B 134 4.46 11.39 2.47
CA LEU B 134 3.11 10.94 2.80
C LEU B 134 2.84 9.60 2.14
N PHE B 135 2.01 8.80 2.80
CA PHE B 135 1.66 7.46 2.31
C PHE B 135 0.15 7.31 2.35
N CYS B 136 -0.45 7.08 1.19
CA CYS B 136 -1.89 6.92 1.04
C CYS B 136 -2.21 5.47 0.72
N GLU B 137 -3.32 4.97 1.27
CA GLU B 137 -3.76 3.59 1.08
C GLU B 137 -5.25 3.61 0.74
N VAL B 138 -5.57 3.39 -0.53
CA VAL B 138 -6.94 3.42 -1.02
C VAL B 138 -7.45 1.98 -1.13
N SER B 139 -8.71 1.78 -0.75
CA SER B 139 -9.37 0.48 -0.85
C SER B 139 -10.72 0.72 -1.54
N VAL B 140 -10.73 0.60 -2.87
CA VAL B 140 -11.93 0.87 -3.66
C VAL B 140 -12.83 -0.36 -3.65
N VAL B 141 -14.11 -0.15 -3.35
CA VAL B 141 -15.13 -1.20 -3.41
C VAL B 141 -16.17 -0.76 -4.44
N GLN B 142 -16.54 -1.67 -5.33
CA GLN B 142 -17.50 -1.36 -6.37
C GLN B 142 -18.18 -2.62 -6.91
N GLU C 2 6.68 -10.60 12.14
CA GLU C 2 5.72 -11.67 12.38
C GLU C 2 6.05 -12.91 11.55
N GLY C 3 6.06 -14.07 12.21
CA GLY C 3 6.35 -15.33 11.56
C GLY C 3 7.80 -15.46 11.10
N THR C 4 8.22 -16.70 10.83
CA THR C 4 9.58 -16.95 10.38
C THR C 4 9.68 -16.74 8.87
N VAL C 5 10.70 -16.00 8.44
CA VAL C 5 10.92 -15.70 7.04
C VAL C 5 11.98 -16.66 6.50
N SER C 6 11.86 -16.99 5.22
CA SER C 6 12.78 -17.92 4.56
C SER C 6 12.92 -17.54 3.10
N SER C 7 13.69 -18.33 2.36
CA SER C 7 13.81 -18.18 0.92
C SER C 7 13.61 -19.54 0.26
N SER C 8 13.37 -19.52 -1.05
CA SER C 8 13.17 -20.74 -1.82
C SER C 8 14.44 -21.19 -2.53
N THR C 9 15.59 -20.64 -2.18
CA THR C 9 16.87 -21.08 -2.73
C THR C 9 17.58 -22.06 -1.80
N ASP C 10 17.20 -22.09 -0.52
CA ASP C 10 17.81 -22.97 0.46
C ASP C 10 17.62 -24.44 0.10
N GLU D 2 -8.42 7.03 14.84
CA GLU D 2 -9.18 7.47 13.69
C GLU D 2 -9.72 8.88 13.88
N GLY D 3 -9.51 9.72 12.87
CA GLY D 3 -9.95 11.10 12.91
C GLY D 3 -11.26 11.32 12.16
N THR D 4 -11.85 12.48 12.39
CA THR D 4 -13.09 12.85 11.73
C THR D 4 -12.81 13.34 10.33
N VAL D 5 -13.60 12.87 9.37
CA VAL D 5 -13.41 13.16 7.97
C VAL D 5 -14.27 14.35 7.56
N SER D 6 -13.81 15.07 6.54
CA SER D 6 -14.51 16.26 6.05
C SER D 6 -14.34 16.33 4.53
N SER D 7 -14.94 17.35 3.94
CA SER D 7 -14.79 17.62 2.51
C SER D 7 -14.46 19.09 2.30
N SER D 8 -14.00 19.40 1.09
CA SER D 8 -13.68 20.77 0.69
C SER D 8 -14.82 21.43 -0.07
N THR D 9 -16.02 20.85 -0.02
CA THR D 9 -17.19 21.45 -0.64
C THR D 9 -18.04 22.25 0.32
N ASP D 10 -17.84 22.08 1.63
CA ASP D 10 -18.60 22.80 2.65
C ASP D 10 -18.40 24.31 2.53
#